data_7HJ9
#
_entry.id   7HJ9
#
_cell.length_a   26.235
_cell.length_b   46.896
_cell.length_c   46.531
_cell.angle_alpha   90.000
_cell.angle_beta   103.330
_cell.angle_gamma   90.000
#
_symmetry.space_group_name_H-M   'P 1 21 1'
#
loop_
_entity.id
_entity.type
_entity.pdbx_description
1 polymer 'De novo designed ABLE protein'
2 non-polymer 2-fluorobenzenesulfonamide
3 water water
#
_entity_poly.entity_id   1
_entity_poly.type   'polypeptide(L)'
_entity_poly.pdbx_seq_one_letter_code
;SVKSEYAEAAAVGQEAVAVFNTMKAAFQNGDKEAVAQYLARLASLYTRHEELLNRILEKARREGNKEAVTLMNEFTATFQ
TGKSIFNAMVAAFKNGDDDSFESYLQALEKVTAKGETLADQIAKAL
;
_entity_poly.pdbx_strand_id   A
#
loop_
_chem_comp.id
_chem_comp.type
_chem_comp.name
_chem_comp.formula
FBV non-polymer 2-fluorobenzenesulfonamide 'C6 H6 F N O2 S'
#
# COMPACT_ATOMS: atom_id res chain seq x y z
N SER A 1 -15.71 -13.67 9.85
CA SER A 1 -14.54 -13.94 10.71
C SER A 1 -13.41 -12.97 10.43
N VAL A 2 -12.42 -12.97 11.32
CA VAL A 2 -11.25 -12.14 11.08
C VAL A 2 -10.55 -12.57 9.80
N LYS A 3 -10.63 -13.87 9.47
N LYS A 3 -10.64 -13.87 9.47
CA LYS A 3 -9.98 -14.35 8.26
CA LYS A 3 -9.98 -14.35 8.26
C LYS A 3 -10.65 -13.79 7.01
C LYS A 3 -10.66 -13.81 7.01
N SER A 4 -11.99 -13.71 7.02
CA SER A 4 -12.69 -13.13 5.88
C SER A 4 -12.52 -11.61 5.82
N GLU A 5 -12.37 -10.98 6.97
CA GLU A 5 -12.01 -9.59 6.98
C GLU A 5 -10.62 -9.38 6.39
N TYR A 6 -9.69 -10.30 6.62
CA TYR A 6 -8.36 -10.12 6.04
C TYR A 6 -8.41 -10.33 4.53
N ALA A 7 -9.28 -11.22 4.04
CA ALA A 7 -9.42 -11.40 2.59
C ALA A 7 -9.97 -10.14 1.93
N GLU A 8 -10.91 -9.48 2.59
CA GLU A 8 -11.42 -8.21 2.09
C GLU A 8 -10.32 -7.16 2.06
N ALA A 9 -9.49 -7.12 3.12
CA ALA A 9 -8.38 -6.19 3.17
C ALA A 9 -7.34 -6.53 2.11
N ALA A 10 -7.08 -7.82 1.87
CA ALA A 10 -6.16 -8.20 0.81
C ALA A 10 -6.66 -7.72 -0.55
N ALA A 11 -7.98 -7.78 -0.79
CA ALA A 11 -8.48 -7.35 -2.09
C ALA A 11 -8.32 -5.84 -2.27
N VAL A 12 -8.57 -5.06 -1.21
CA VAL A 12 -8.34 -3.62 -1.28
C VAL A 12 -6.87 -3.35 -1.58
N GLY A 13 -5.97 -4.08 -0.94
CA GLY A 13 -4.56 -3.93 -1.26
C GLY A 13 -4.25 -4.20 -2.73
N GLN A 14 -4.84 -5.26 -3.30
CA GLN A 14 -4.63 -5.58 -4.71
C GLN A 14 -5.23 -4.52 -5.62
N GLU A 15 -6.33 -3.89 -5.22
CA GLU A 15 -6.87 -2.78 -5.99
C GLU A 15 -5.86 -1.62 -6.06
N ALA A 16 -5.20 -1.34 -4.95
CA ALA A 16 -4.19 -0.28 -4.97
C ALA A 16 -3.01 -0.68 -5.85
N VAL A 17 -2.61 -1.95 -5.84
CA VAL A 17 -1.58 -2.39 -6.79
C VAL A 17 -2.01 -2.11 -8.22
N ALA A 18 -3.26 -2.43 -8.55
CA ALA A 18 -3.71 -2.24 -9.93
C ALA A 18 -3.69 -0.77 -10.32
N VAL A 19 -4.24 0.09 -9.47
CA VAL A 19 -4.28 1.52 -9.76
C VAL A 19 -2.87 2.09 -9.80
N PHE A 20 -2.00 1.61 -8.91
CA PHE A 20 -0.60 2.07 -8.91
C PHE A 20 0.07 1.79 -10.24
N ASN A 21 -0.10 0.57 -10.76
N ASN A 21 -0.23 0.63 -10.83
CA ASN A 21 0.56 0.26 -12.02
CA ASN A 21 0.43 0.26 -12.08
C ASN A 21 0.01 1.12 -13.16
C ASN A 21 -0.12 1.03 -13.28
N THR A 22 -1.31 1.33 -13.18
N THR A 22 -1.39 1.41 -13.28
CA THR A 22 -1.88 2.24 -14.17
CA THR A 22 -1.88 2.28 -14.36
C THR A 22 -1.29 3.63 -14.02
C THR A 22 -1.45 3.73 -14.16
N MET A 23 -1.16 4.10 -12.77
N MET A 23 -1.14 4.11 -12.92
CA MET A 23 -0.60 5.42 -12.49
CA MET A 23 -0.61 5.44 -12.67
C MET A 23 0.84 5.53 -13.01
C MET A 23 0.85 5.53 -13.08
N LYS A 24 1.65 4.49 -12.78
CA LYS A 24 3.03 4.48 -13.25
C LYS A 24 3.09 4.62 -14.76
N ALA A 25 2.19 3.93 -15.47
CA ALA A 25 2.16 4.07 -16.93
C ALA A 25 1.79 5.49 -17.34
N ALA A 26 0.81 6.08 -16.67
CA ALA A 26 0.42 7.45 -16.98
C ALA A 26 1.57 8.43 -16.71
N PHE A 27 2.27 8.27 -15.60
CA PHE A 27 3.40 9.13 -15.29
C PHE A 27 4.45 9.04 -16.41
N GLN A 28 4.80 7.82 -16.80
CA GLN A 28 5.80 7.65 -17.84
C GLN A 28 5.35 8.33 -19.12
N ASN A 29 4.06 8.27 -19.43
CA ASN A 29 3.53 8.88 -20.65
C ASN A 29 3.31 10.38 -20.53
N GLY A 30 3.48 10.97 -19.34
CA GLY A 30 3.33 12.40 -19.19
C GLY A 30 1.90 12.89 -19.04
N ASP A 31 0.95 11.99 -18.71
CA ASP A 31 -0.46 12.30 -18.61
C ASP A 31 -0.71 12.71 -17.15
N LYS A 32 -0.37 13.97 -16.84
N LYS A 32 -0.40 13.98 -16.85
CA LYS A 32 -0.39 14.44 -15.47
CA LYS A 32 -0.45 14.43 -15.46
C LYS A 32 -1.80 14.51 -14.93
C LYS A 32 -1.88 14.52 -14.94
N GLU A 33 -2.78 14.83 -15.78
N GLU A 33 -2.85 14.81 -15.81
CA GLU A 33 -4.16 14.86 -15.33
CA GLU A 33 -4.24 14.87 -15.37
C GLU A 33 -4.60 13.49 -14.82
C GLU A 33 -4.73 13.50 -14.93
N ALA A 34 -4.26 12.44 -15.57
CA ALA A 34 -4.56 11.09 -15.13
C ALA A 34 -3.85 10.79 -13.82
N VAL A 35 -2.55 11.12 -13.76
CA VAL A 35 -1.78 10.84 -12.55
C VAL A 35 -2.47 11.45 -11.32
N ALA A 36 -2.86 12.73 -11.42
CA ALA A 36 -3.52 13.38 -10.29
C ALA A 36 -4.73 12.59 -9.79
N GLN A 37 -5.57 12.14 -10.72
CA GLN A 37 -6.75 11.37 -10.35
C GLN A 37 -6.35 10.02 -9.73
N TYR A 38 -5.37 9.33 -10.29
CA TYR A 38 -4.94 8.05 -9.71
C TYR A 38 -4.36 8.25 -8.33
N LEU A 39 -3.59 9.32 -8.10
CA LEU A 39 -3.07 9.57 -6.75
C LEU A 39 -4.20 9.80 -5.75
N ALA A 40 -5.26 10.52 -6.14
CA ALA A 40 -6.42 10.67 -5.26
C ALA A 40 -7.07 9.32 -4.96
N ARG A 41 -7.24 8.48 -5.99
CA ARG A 41 -7.82 7.16 -5.82
C ARG A 41 -6.96 6.30 -4.89
N LEU A 42 -5.64 6.34 -5.07
CA LEU A 42 -4.73 5.60 -4.21
C LEU A 42 -4.81 6.09 -2.77
N ALA A 43 -4.90 7.41 -2.55
CA ALA A 43 -4.98 7.88 -1.17
C ALA A 43 -6.19 7.27 -0.47
N SER A 44 -7.33 7.26 -1.16
N SER A 44 -7.31 7.17 -1.20
CA SER A 44 -8.54 6.74 -0.56
CA SER A 44 -8.52 6.59 -0.64
C SER A 44 -8.42 5.25 -0.29
C SER A 44 -8.37 5.09 -0.38
N LEU A 45 -7.81 4.51 -1.23
N LEU A 45 -7.72 4.38 -1.29
CA LEU A 45 -7.61 3.08 -1.07
CA LEU A 45 -7.51 2.94 -1.11
C LEU A 45 -6.67 2.78 0.10
C LEU A 45 -6.57 2.64 0.05
N TYR A 46 -5.53 3.48 0.19
N TYR A 46 -5.58 3.50 0.29
CA TYR A 46 -4.62 3.24 1.30
CA TYR A 46 -4.69 3.31 1.43
C TYR A 46 -5.27 3.57 2.63
C TYR A 46 -5.33 3.75 2.73
N THR A 47 -6.03 4.66 2.69
N THR A 47 -6.23 4.72 2.70
CA THR A 47 -6.74 4.98 3.93
CA THR A 47 -6.98 5.03 3.91
C THR A 47 -7.67 3.84 4.34
C THR A 47 -7.89 3.88 4.31
N ARG A 48 -8.45 3.31 3.39
N ARG A 48 -8.52 3.23 3.32
CA ARG A 48 -9.33 2.19 3.66
CA ARG A 48 -9.42 2.11 3.59
C ARG A 48 -8.54 0.98 4.15
C ARG A 48 -8.65 0.85 3.96
N HIS A 49 -7.52 0.59 3.41
N HIS A 49 -7.49 0.64 3.35
CA HIS A 49 -6.70 -0.56 3.79
CA HIS A 49 -6.71 -0.55 3.68
C HIS A 49 -6.14 -0.37 5.21
C HIS A 49 -6.19 -0.49 5.11
N GLU A 50 -5.59 0.81 5.50
N GLU A 50 -5.71 0.68 5.53
CA GLU A 50 -5.05 1.09 6.82
CA GLU A 50 -5.21 0.84 6.90
C GLU A 50 -6.07 0.83 7.92
C GLU A 50 -6.32 0.58 7.91
N GLU A 51 -7.31 1.30 7.71
N GLU A 51 -7.50 1.14 7.67
CA GLU A 51 -8.36 1.11 8.72
CA GLU A 51 -8.59 0.96 8.65
C GLU A 51 -8.70 -0.37 8.90
C GLU A 51 -9.03 -0.49 8.74
N LEU A 52 -8.88 -1.10 7.79
N LEU A 52 -8.90 -1.26 7.66
CA LEU A 52 -9.18 -2.53 7.87
CA LEU A 52 -9.18 -2.69 7.75
C LEU A 52 -8.08 -3.29 8.61
C LEU A 52 -8.07 -3.47 8.44
N LEU A 53 -6.82 -3.02 8.29
CA LEU A 53 -5.72 -3.69 8.96
C LEU A 53 -5.74 -3.40 10.46
N ASN A 54 -6.11 -2.17 10.84
CA ASN A 54 -6.16 -1.86 12.27
C ASN A 54 -7.25 -2.67 12.95
N ARG A 55 -8.39 -2.84 12.30
CA ARG A 55 -9.47 -3.62 12.89
C ARG A 55 -9.09 -5.09 13.02
N ILE A 56 -8.38 -5.62 12.03
CA ILE A 56 -7.89 -6.99 12.08
C ILE A 56 -6.93 -7.16 13.25
N LEU A 57 -5.97 -6.23 13.37
CA LEU A 57 -5.00 -6.31 14.47
C LEU A 57 -5.68 -6.22 15.81
N GLU A 58 -6.58 -5.24 15.98
CA GLU A 58 -7.29 -5.12 17.25
C GLU A 58 -8.08 -6.38 17.58
N LYS A 59 -8.67 -7.03 16.57
CA LYS A 59 -9.45 -8.24 16.82
C LYS A 59 -8.54 -9.41 17.20
N ALA A 60 -7.44 -9.57 16.48
CA ALA A 60 -6.46 -10.58 16.86
C ALA A 60 -6.00 -10.40 18.29
N ARG A 61 -5.79 -9.14 18.72
CA ARG A 61 -5.44 -8.87 20.12
C ARG A 61 -6.53 -9.34 21.06
N ARG A 62 -7.79 -8.99 20.76
CA ARG A 62 -8.88 -9.36 21.67
C ARG A 62 -9.05 -10.87 21.73
N GLU A 63 -8.74 -11.57 20.63
CA GLU A 63 -8.78 -13.02 20.54
C GLU A 63 -7.60 -13.70 21.22
N GLY A 64 -6.57 -12.95 21.61
CA GLY A 64 -5.38 -13.56 22.16
C GLY A 64 -4.52 -14.33 21.17
N ASN A 65 -4.65 -14.03 19.88
CA ASN A 65 -3.94 -14.77 18.85
C ASN A 65 -2.53 -14.18 18.71
N LYS A 66 -1.63 -14.65 19.59
CA LYS A 66 -0.33 -14.00 19.73
C LYS A 66 0.44 -14.00 18.42
N GLU A 67 0.46 -15.14 17.71
CA GLU A 67 1.25 -15.14 16.48
C GLU A 67 0.68 -14.18 15.47
N ALA A 68 -0.65 -14.13 15.33
CA ALA A 68 -1.23 -13.20 14.37
C ALA A 68 -0.96 -11.76 14.77
N VAL A 69 -0.96 -11.47 16.08
CA VAL A 69 -0.65 -10.11 16.54
C VAL A 69 0.77 -9.73 16.16
N THR A 70 1.73 -10.64 16.42
CA THR A 70 3.12 -10.37 16.06
C THR A 70 3.26 -10.01 14.59
N LEU A 71 2.72 -10.87 13.72
CA LEU A 71 2.81 -10.66 12.29
C LEU A 71 2.12 -9.37 11.87
N MET A 72 0.94 -9.10 12.42
CA MET A 72 0.22 -7.89 12.07
C MET A 72 0.93 -6.64 12.57
N ASN A 73 1.57 -6.69 13.75
CA ASN A 73 2.38 -5.54 14.17
C ASN A 73 3.52 -5.27 13.19
N GLU A 74 4.22 -6.32 12.73
CA GLU A 74 5.26 -6.15 11.73
C GLU A 74 4.70 -5.60 10.43
N PHE A 75 3.56 -6.13 9.99
CA PHE A 75 2.99 -5.75 8.71
C PHE A 75 2.49 -4.31 8.75
N THR A 76 1.79 -3.92 9.82
CA THR A 76 1.33 -2.53 9.91
C THR A 76 2.52 -1.55 9.98
N ALA A 77 3.63 -1.96 10.57
CA ALA A 77 4.80 -1.08 10.58
C ALA A 77 5.32 -0.88 9.16
N THR A 78 5.39 -1.96 8.38
CA THR A 78 5.86 -1.83 6.99
C THR A 78 4.86 -1.00 6.18
N PHE A 79 3.57 -1.19 6.44
CA PHE A 79 2.54 -0.37 5.78
C PHE A 79 2.81 1.12 5.96
N GLN A 80 3.18 1.54 7.17
CA GLN A 80 3.47 2.94 7.44
C GLN A 80 4.68 3.43 6.65
N THR A 81 5.68 2.57 6.43
CA THR A 81 6.80 2.95 5.55
C THR A 81 6.28 3.26 4.16
N GLY A 82 5.41 2.39 3.65
CA GLY A 82 4.84 2.63 2.33
C GLY A 82 4.02 3.90 2.30
N LYS A 83 3.23 4.15 3.35
CA LYS A 83 2.43 5.37 3.41
C LYS A 83 3.30 6.62 3.41
N SER A 84 4.39 6.61 4.17
CA SER A 84 5.27 7.77 4.20
C SER A 84 5.87 8.02 2.82
N ILE A 85 6.29 6.95 2.14
CA ILE A 85 6.85 7.10 0.81
C ILE A 85 5.79 7.59 -0.16
N PHE A 86 4.57 7.05 -0.06
CA PHE A 86 3.46 7.52 -0.88
C PHE A 86 3.21 9.00 -0.69
N ASN A 87 3.14 9.44 0.56
CA ASN A 87 2.91 10.86 0.80
C ASN A 87 4.02 11.70 0.19
N ALA A 88 5.27 11.24 0.29
CA ALA A 88 6.38 11.98 -0.32
C ALA A 88 6.23 12.02 -1.84
N MET A 89 5.72 10.94 -2.43
CA MET A 89 5.48 10.89 -3.87
C MET A 89 4.44 11.92 -4.27
N VAL A 90 3.34 11.99 -3.52
CA VAL A 90 2.28 12.97 -3.78
C VAL A 90 2.87 14.38 -3.74
N ALA A 91 3.73 14.66 -2.76
CA ALA A 91 4.34 15.98 -2.64
C ALA A 91 5.24 16.28 -3.83
N ALA A 92 5.99 15.27 -4.27
CA ALA A 92 6.84 15.44 -5.45
C ALA A 92 6.02 15.72 -6.70
N PHE A 93 4.84 15.12 -6.81
CA PHE A 93 3.96 15.44 -7.93
C PHE A 93 3.47 16.88 -7.86
N LYS A 94 2.98 17.30 -6.70
N LYS A 94 3.00 17.31 -6.68
CA LYS A 94 2.56 18.68 -6.49
CA LYS A 94 2.54 18.68 -6.49
C LYS A 94 3.67 19.63 -6.88
C LYS A 94 3.65 19.69 -6.75
N ASN A 95 4.90 19.33 -6.48
CA ASN A 95 6.02 20.23 -6.68
C ASN A 95 6.62 20.18 -8.08
N GLY A 96 6.16 19.26 -8.93
CA GLY A 96 6.76 19.14 -10.26
C GLY A 96 8.13 18.49 -10.27
N ASP A 97 8.47 17.70 -9.27
CA ASP A 97 9.79 17.09 -9.18
C ASP A 97 9.69 15.66 -9.70
N ASP A 98 9.87 15.48 -11.01
N ASP A 98 9.86 15.49 -11.01
CA ASP A 98 9.74 14.15 -11.59
CA ASP A 98 9.74 14.16 -11.60
C ASP A 98 10.87 13.24 -11.16
C ASP A 98 10.87 13.24 -11.15
N ASP A 99 12.06 13.80 -10.87
CA ASP A 99 13.15 12.97 -10.40
C ASP A 99 12.81 12.32 -9.05
N SER A 100 12.35 13.11 -8.09
CA SER A 100 11.91 12.54 -6.82
C SER A 100 10.72 11.60 -7.02
N PHE A 101 9.80 11.94 -7.91
CA PHE A 101 8.64 11.08 -8.13
C PHE A 101 9.07 9.69 -8.61
N GLU A 102 9.97 9.64 -9.60
N GLU A 102 9.98 9.64 -9.60
CA GLU A 102 10.50 8.37 -10.07
CA GLU A 102 10.52 8.37 -10.06
C GLU A 102 11.14 7.59 -8.92
C GLU A 102 11.16 7.59 -8.92
N SER A 103 11.96 8.28 -8.11
N SER A 103 11.95 8.29 -8.09
CA SER A 103 12.63 7.65 -6.98
CA SER A 103 12.64 7.62 -6.98
C SER A 103 11.62 7.02 -6.03
C SER A 103 11.64 7.02 -6.00
N TYR A 104 10.69 7.82 -5.53
CA TYR A 104 9.70 7.32 -4.58
C TYR A 104 8.88 6.19 -5.19
N LEU A 105 8.59 6.27 -6.49
N LEU A 105 8.60 6.29 -6.49
CA LEU A 105 7.79 5.23 -7.11
CA LEU A 105 7.84 5.25 -7.19
C LEU A 105 8.49 3.87 -7.02
C LEU A 105 8.56 3.90 -7.11
N GLN A 106 9.76 3.82 -7.40
N GLN A 106 9.87 3.90 -7.37
CA GLN A 106 10.54 2.58 -7.30
CA GLN A 106 10.66 2.68 -7.24
C GLN A 106 10.66 2.11 -5.85
C GLN A 106 10.66 2.18 -5.79
N ALA A 107 10.91 3.04 -4.92
N ALA A 107 10.68 3.12 -4.82
CA ALA A 107 10.98 2.68 -3.51
CA ALA A 107 10.72 2.72 -3.42
C ALA A 107 9.69 2.00 -3.06
C ALA A 107 9.45 1.97 -3.02
N LEU A 108 8.54 2.59 -3.41
N LEU A 108 8.29 2.44 -3.49
CA LEU A 108 7.27 2.04 -2.95
CA LEU A 108 7.04 1.78 -3.13
C LEU A 108 7.02 0.66 -3.53
C LEU A 108 6.98 0.37 -3.68
N GLU A 109 7.47 0.42 -4.76
N GLU A 109 7.48 0.16 -4.89
CA GLU A 109 7.38 -0.92 -5.34
CA GLU A 109 7.45 -1.16 -5.50
C GLU A 109 8.21 -1.91 -4.53
C GLU A 109 8.26 -2.17 -4.70
N LYS A 110 9.44 -1.54 -4.16
N LYS A 110 9.30 -1.72 -4.00
CA LYS A 110 10.32 -2.48 -3.48
CA LYS A 110 10.07 -2.61 -3.14
C LYS A 110 9.83 -2.76 -2.07
C LYS A 110 9.42 -2.79 -1.78
N VAL A 111 9.38 -1.73 -1.35
N VAL A 111 8.74 -1.75 -1.26
CA VAL A 111 8.79 -1.94 -0.03
CA VAL A 111 8.01 -1.90 0.00
C VAL A 111 7.58 -2.87 -0.14
C VAL A 111 6.85 -2.87 -0.17
N THR A 112 6.79 -2.72 -1.20
N THR A 112 6.16 -2.79 -1.31
CA THR A 112 5.58 -3.52 -1.33
CA THR A 112 5.07 -3.74 -1.58
C THR A 112 5.91 -4.96 -1.68
C THR A 112 5.63 -5.12 -1.89
N ALA A 113 6.83 -5.18 -2.62
N ALA A 113 6.81 -5.20 -2.48
CA ALA A 113 7.23 -6.53 -2.95
CA ALA A 113 7.41 -6.50 -2.75
C ALA A 113 7.84 -7.24 -1.74
C ALA A 113 7.89 -7.18 -1.47
N LYS A 114 8.63 -6.51 -0.93
N LYS A 114 8.67 -6.47 -0.66
CA LYS A 114 9.23 -7.13 0.24
CA LYS A 114 9.24 -7.07 0.54
C LYS A 114 8.18 -7.65 1.20
C LYS A 114 8.14 -7.50 1.50
N GLY A 115 7.14 -6.86 1.45
N GLY A 115 7.14 -6.66 1.70
CA GLY A 115 6.16 -7.20 2.46
CA GLY A 115 6.06 -6.96 2.62
C GLY A 115 5.16 -8.25 2.06
C GLY A 115 4.97 -7.79 1.97
N GLU A 116 5.40 -8.97 0.97
N GLU A 116 5.34 -8.85 1.27
CA GLU A 116 4.39 -9.90 0.47
CA GLU A 116 4.37 -9.75 0.67
C GLU A 116 4.45 -11.26 1.13
C GLU A 116 4.43 -11.16 1.22
N THR A 117 5.64 -11.75 1.47
N THR A 117 5.62 -11.70 1.50
CA THR A 117 5.70 -13.02 2.19
CA THR A 117 5.67 -12.99 2.17
C THR A 117 5.03 -12.91 3.55
C THR A 117 5.04 -12.92 3.55
N LEU A 118 5.16 -11.75 4.21
CA LEU A 118 4.47 -11.55 5.48
C LEU A 118 2.95 -11.49 5.28
N ALA A 119 2.51 -10.79 4.22
CA ALA A 119 1.08 -10.73 3.91
C ALA A 119 0.48 -12.12 3.80
N ASP A 120 1.15 -13.02 3.09
N ASP A 120 1.15 -13.02 3.09
CA ASP A 120 0.64 -14.37 2.98
CA ASP A 120 0.66 -14.38 2.97
C ASP A 120 0.72 -15.12 4.30
C ASP A 120 0.72 -15.12 4.30
N GLN A 121 1.72 -14.84 5.13
CA GLN A 121 1.83 -15.49 6.43
C GLN A 121 0.65 -15.15 7.33
N ILE A 122 0.18 -13.91 7.26
CA ILE A 122 -0.91 -13.47 8.13
C ILE A 122 -2.18 -14.24 7.80
N ALA A 123 -2.48 -14.38 6.51
CA ALA A 123 -3.68 -15.14 6.11
C ALA A 123 -3.70 -16.49 6.80
N LYS A 124 -2.56 -17.17 6.85
N LYS A 124 -2.56 -17.17 6.85
CA LYS A 124 -2.49 -18.50 7.43
CA LYS A 124 -2.49 -18.51 7.42
C LYS A 124 -2.55 -18.48 8.94
C LYS A 124 -2.51 -18.50 8.94
N ALA A 125 -2.27 -17.34 9.56
CA ALA A 125 -2.20 -17.28 11.02
C ALA A 125 -3.52 -16.90 11.68
N LEU A 126 -4.40 -16.20 10.98
CA LEU A 126 -5.59 -15.65 11.63
C LEU A 126 -6.61 -16.71 12.00
C1 FBV B . 0.30 3.97 1.29
C2 FBV B . 0.08 3.11 2.38
C3 FBV B . 0.66 1.83 2.39
C4 FBV B . 1.44 1.44 1.31
C5 FBV B . 1.67 2.28 0.22
C6 FBV B . 1.10 3.55 0.21
S FBV B . 2.20 -0.16 1.26
N2 FBV B . 1.07 -1.09 0.34
O1 FBV B . 2.26 -0.70 2.62
O2 FBV B . 3.42 -0.02 0.46
F FBV B . 2.43 1.85 -0.82
H1 FBV B . -0.14 4.95 1.28
H2 FBV B . -0.53 3.44 3.21
H6 FBV B . 1.27 4.20 -0.63
H3 FBV B . 0.49 1.18 3.23
H21N FBV B . 0.11 -0.80 0.52
H22N FBV B . 1.31 -1.08 -0.64
#